data_2XPW
#
_entry.id   2XPW
#
_cell.length_a   66.893
_cell.length_b   66.893
_cell.length_c   181.553
_cell.angle_alpha   90.00
_cell.angle_beta   90.00
_cell.angle_gamma   90.00
#
_symmetry.space_group_name_H-M   'I 41 2 2'
#
loop_
_entity.id
_entity.type
_entity.pdbx_description
1 polymer 'TETRACYCLINE REPRESSOR PROTEIN CLASS D'
2 non-polymer OXYTETRACYCLINE
3 non-polymer 'MAGNESIUM ION'
4 non-polymer 'CHLORIDE ION'
5 non-polymer '2-(N-MORPHOLINO)-ETHANESULFONIC ACID'
6 water water
#
_entity_poly.entity_id   1
_entity_poly.type   'polypeptide(L)'
_entity_poly.pdbx_seq_one_letter_code
;SRLNRESVIDAALELLNETGIDGLTTRKLAQKLGIEQPTLYWHVKNKRALLDALAVEILARHHDYSLPAAGESWQSFLRN
NAMSFRRALLRYRDGAKVHLGTRPDEKQYDTVETQLRFMTENGFSLRDGLYAISAVSHFTLGAVLEQQEHTAALTDRPAA
PDENLPPLLREALQIMDSDDGEQAFLHGLESLIRGFEVQLTALLQIV
;
_entity_poly.pdbx_strand_id   A
#
# COMPACT_ATOMS: atom_id res chain seq x y z
N SER A 1 14.41 7.59 -24.69
CA SER A 1 13.01 7.32 -25.14
C SER A 1 12.17 8.53 -24.74
N ARG A 2 10.88 8.41 -24.92
N ARG A 2 10.85 8.42 -24.92
CA ARG A 2 9.95 9.50 -24.63
CA ARG A 2 9.93 9.50 -24.58
C ARG A 2 9.99 9.89 -23.11
C ARG A 2 10.04 9.89 -23.09
N LEU A 3 9.98 11.21 -22.86
CA LEU A 3 10.05 11.81 -21.51
C LEU A 3 8.88 12.74 -21.22
N ASN A 4 7.67 12.32 -21.60
CA ASN A 4 6.51 12.97 -20.98
C ASN A 4 6.34 12.41 -19.57
N ARG A 5 5.54 13.08 -18.78
CA ARG A 5 5.33 12.67 -17.39
C ARG A 5 4.92 11.21 -17.35
N GLU A 6 3.97 10.78 -18.18
CA GLU A 6 3.47 9.41 -18.11
C GLU A 6 4.60 8.44 -18.31
N SER A 7 5.47 8.71 -19.28
CA SER A 7 6.58 7.79 -19.59
C SER A 7 7.70 7.81 -18.57
N VAL A 8 7.99 8.96 -17.99
CA VAL A 8 8.98 9.02 -16.89
C VAL A 8 8.44 8.21 -15.72
N ILE A 9 7.16 8.39 -15.42
N ILE A 9 7.20 8.43 -15.35
CA ILE A 9 6.51 7.62 -14.35
CA ILE A 9 6.65 7.68 -14.20
C ILE A 9 6.47 6.13 -14.68
C ILE A 9 6.67 6.19 -14.53
N ASP A 10 6.24 5.80 -15.95
N ASP A 10 6.26 5.85 -15.76
CA ASP A 10 6.23 4.40 -16.32
CA ASP A 10 6.28 4.47 -16.27
C ASP A 10 7.62 3.77 -16.17
C ASP A 10 7.64 3.82 -16.07
N ALA A 11 8.69 4.44 -16.59
CA ALA A 11 10.01 3.92 -16.43
C ALA A 11 10.46 3.81 -14.99
N ALA A 12 10.12 4.80 -14.17
CA ALA A 12 10.48 4.78 -12.73
C ALA A 12 9.76 3.65 -12.02
N LEU A 13 8.53 3.36 -12.42
CA LEU A 13 7.77 2.26 -11.82
C LEU A 13 8.36 0.93 -12.22
N GLU A 14 8.78 0.79 -13.46
CA GLU A 14 9.46 -0.41 -13.92
C GLU A 14 10.74 -0.59 -13.15
N LEU A 15 11.50 0.48 -12.99
CA LEU A 15 12.78 0.42 -12.26
C LEU A 15 12.56 0.08 -10.79
N LEU A 16 11.57 0.68 -10.18
CA LEU A 16 11.22 0.41 -8.78
C LEU A 16 10.97 -1.04 -8.65
N ASN A 17 10.17 -1.59 -9.56
CA ASN A 17 9.80 -2.97 -9.48
C ASN A 17 10.99 -3.91 -9.62
N GLU A 18 12.02 -3.48 -10.36
CA GLU A 18 13.23 -4.28 -10.53
C GLU A 18 14.12 -4.28 -9.30
N THR A 19 14.51 -3.10 -8.86
CA THR A 19 15.51 -2.97 -7.80
C THR A 19 15.10 -2.13 -6.60
N GLY A 20 13.82 -1.80 -6.48
CA GLY A 20 13.35 -1.07 -5.31
C GLY A 20 13.75 0.36 -5.19
N ILE A 21 13.42 0.99 -4.05
CA ILE A 21 13.74 2.42 -3.84
C ILE A 21 15.25 2.67 -3.92
N ASP A 22 16.06 1.74 -3.42
CA ASP A 22 17.52 1.95 -3.43
C ASP A 22 18.11 1.96 -4.82
N GLY A 23 17.53 1.21 -5.73
CA GLY A 23 17.99 1.22 -7.09
C GLY A 23 17.40 2.33 -7.95
N LEU A 24 16.48 3.11 -7.40
CA LEU A 24 15.87 4.20 -8.14
C LEU A 24 16.75 5.43 -7.98
N THR A 25 17.85 5.43 -8.72
CA THR A 25 18.83 6.50 -8.69
C THR A 25 18.79 7.28 -10.03
N THR A 26 19.38 8.49 -10.07
CA THR A 26 19.42 9.25 -11.31
C THR A 26 20.19 8.50 -12.40
N ARG A 27 21.29 7.83 -12.03
N ARG A 27 21.29 7.86 -12.00
CA ARG A 27 22.05 7.10 -13.05
CA ARG A 27 22.09 7.07 -12.94
C ARG A 27 21.22 5.97 -13.61
C ARG A 27 21.23 6.00 -13.57
N LYS A 28 20.57 5.21 -12.72
CA LYS A 28 19.83 4.08 -13.20
C LYS A 28 18.57 4.43 -13.92
N LEU A 29 17.90 5.51 -13.48
CA LEU A 29 16.68 5.95 -14.19
C LEU A 29 17.08 6.53 -15.60
N ALA A 30 18.16 7.33 -15.60
CA ALA A 30 18.70 7.84 -16.86
C ALA A 30 19.08 6.72 -17.81
N GLN A 31 19.68 5.67 -17.26
CA GLN A 31 20.01 4.50 -18.08
C GLN A 31 18.78 3.82 -18.63
N LYS A 32 17.75 3.61 -17.81
CA LYS A 32 16.58 2.92 -18.33
C LYS A 32 15.89 3.70 -19.46
N LEU A 33 15.94 5.02 -19.29
CA LEU A 33 15.33 5.91 -20.27
C LEU A 33 16.25 6.22 -21.49
N GLY A 34 17.51 5.79 -21.44
CA GLY A 34 18.50 5.95 -22.51
C GLY A 34 18.83 7.42 -22.72
N ILE A 35 19.04 8.11 -21.62
CA ILE A 35 19.35 9.54 -21.63
C ILE A 35 20.46 9.86 -20.68
N GLU A 36 21.04 11.06 -20.78
CA GLU A 36 21.99 11.60 -19.85
C GLU A 36 21.31 12.22 -18.62
N GLN A 37 22.05 12.29 -17.53
CA GLN A 37 21.48 12.74 -16.27
C GLN A 37 20.95 14.19 -16.34
N PRO A 38 21.62 15.13 -17.05
CA PRO A 38 21.03 16.47 -17.05
C PRO A 38 19.71 16.52 -17.82
N THR A 39 19.57 15.64 -18.79
CA THR A 39 18.30 15.44 -19.47
C THR A 39 17.21 14.99 -18.49
N LEU A 40 17.53 13.99 -17.68
CA LEU A 40 16.61 13.50 -16.70
C LEU A 40 16.22 14.61 -15.74
N TYR A 41 17.19 15.38 -15.25
CA TYR A 41 16.94 16.44 -14.29
C TYR A 41 15.92 17.46 -14.77
N TRP A 42 15.95 17.82 -16.07
CA TRP A 42 14.95 18.70 -16.63
C TRP A 42 13.58 18.19 -16.30
N HIS A 43 13.35 16.87 -16.40
CA HIS A 43 12.06 16.28 -16.14
C HIS A 43 11.71 15.93 -14.71
N VAL A 44 12.68 15.55 -13.90
CA VAL A 44 12.38 15.16 -12.52
C VAL A 44 13.60 15.47 -11.72
N LYS A 45 13.42 16.20 -10.62
CA LYS A 45 14.57 16.69 -9.87
C LYS A 45 14.75 16.11 -8.50
N ASN A 46 13.63 15.66 -7.95
CA ASN A 46 13.50 15.42 -6.50
C ASN A 46 12.98 14.00 -6.34
N LYS A 47 13.75 13.19 -5.61
CA LYS A 47 13.43 11.75 -5.43
C LYS A 47 12.08 11.59 -4.72
N ARG A 48 11.78 12.38 -3.69
CA ARG A 48 10.53 12.25 -2.97
C ARG A 48 9.36 12.57 -3.83
N ALA A 49 9.54 13.59 -4.67
CA ALA A 49 8.47 13.91 -5.60
C ALA A 49 8.19 12.77 -6.61
N LEU A 50 9.24 12.10 -7.06
CA LEU A 50 9.08 10.91 -7.87
C LEU A 50 8.41 9.79 -7.11
N LEU A 51 8.87 9.55 -5.90
CA LEU A 51 8.25 8.48 -5.07
C LEU A 51 6.77 8.78 -4.83
N ASP A 52 6.48 10.04 -4.58
CA ASP A 52 5.08 10.46 -4.38
C ASP A 52 4.24 10.16 -5.62
N ALA A 53 4.80 10.50 -6.79
CA ALA A 53 4.12 10.21 -8.03
C ALA A 53 3.89 8.70 -8.26
N LEU A 54 4.86 7.89 -7.87
CA LEU A 54 4.74 6.48 -8.01
C LEU A 54 3.67 5.93 -7.07
N ALA A 55 3.64 6.47 -5.83
CA ALA A 55 2.60 6.02 -4.91
C ALA A 55 1.18 6.26 -5.50
N VAL A 56 0.99 7.44 -6.11
CA VAL A 56 -0.28 7.79 -6.77
C VAL A 56 -0.56 6.88 -7.99
N GLU A 57 0.46 6.68 -8.82
CA GLU A 57 0.31 5.85 -10.04
C GLU A 57 -0.04 4.40 -9.75
N ILE A 58 0.57 3.84 -8.69
CA ILE A 58 0.32 2.44 -8.33
C ILE A 58 -1.15 2.24 -8.03
N LEU A 59 -1.72 3.16 -7.24
CA LEU A 59 -3.14 3.05 -6.98
C LEU A 59 -4.01 3.33 -8.20
N ALA A 60 -3.59 4.28 -9.04
CA ALA A 60 -4.38 4.53 -10.28
C ALA A 60 -4.46 3.29 -11.15
N ARG A 61 -3.36 2.61 -11.25
CA ARG A 61 -3.34 1.39 -12.08
C ARG A 61 -4.06 0.20 -11.48
N HIS A 62 -3.97 -0.02 -10.18
CA HIS A 62 -4.32 -1.35 -9.70
C HIS A 62 -5.19 -1.31 -8.43
N HIS A 63 -5.56 -0.14 -7.93
CA HIS A 63 -6.45 -0.11 -6.78
C HIS A 63 -7.84 0.08 -7.34
N ASP A 64 -8.52 -1.05 -7.50
N ASP A 64 -8.53 -1.03 -7.52
CA ASP A 64 -9.78 -1.11 -8.23
CA ASP A 64 -9.81 -1.00 -8.26
C ASP A 64 -11.02 -0.71 -7.42
C ASP A 64 -11.07 -0.97 -7.42
N TYR A 65 -10.92 -0.88 -6.10
CA TYR A 65 -12.08 -0.71 -5.24
C TYR A 65 -11.87 0.51 -4.36
N SER A 66 -11.80 1.71 -4.96
N SER A 66 -11.90 1.68 -4.96
CA SER A 66 -11.64 2.95 -4.19
CA SER A 66 -11.63 2.91 -4.26
C SER A 66 -12.96 3.48 -3.60
C SER A 66 -12.93 3.57 -3.73
N LEU A 67 -14.11 3.16 -4.23
CA LEU A 67 -15.40 3.74 -3.85
C LEU A 67 -16.49 2.72 -3.54
N PRO A 68 -17.40 3.04 -2.61
CA PRO A 68 -18.47 2.11 -2.27
C PRO A 68 -19.47 1.96 -3.40
N ALA A 69 -19.98 0.73 -3.52
CA ALA A 69 -21.14 0.42 -4.37
C ALA A 69 -22.38 1.07 -3.76
N ALA A 70 -23.40 1.29 -4.59
CA ALA A 70 -24.63 1.88 -4.12
C ALA A 70 -25.22 0.96 -3.07
N GLY A 71 -25.62 1.56 -1.97
CA GLY A 71 -26.16 0.82 -0.88
C GLY A 71 -25.18 -0.01 -0.07
N GLU A 72 -23.88 -0.01 -0.40
CA GLU A 72 -22.91 -0.83 0.30
C GLU A 72 -22.73 -0.35 1.73
N SER A 73 -22.67 -1.30 2.63
CA SER A 73 -22.45 -1.01 4.03
C SER A 73 -21.01 -0.48 4.21
N TRP A 74 -20.79 0.29 5.25
CA TRP A 74 -19.43 0.78 5.52
C TRP A 74 -18.46 -0.32 5.79
N GLN A 75 -18.95 -1.36 6.44
CA GLN A 75 -18.11 -2.50 6.77
C GLN A 75 -17.65 -3.17 5.49
N SER A 76 -18.59 -3.40 4.56
CA SER A 76 -18.25 -4.05 3.34
C SER A 76 -17.32 -3.16 2.49
N PHE A 77 -17.60 -1.87 2.41
CA PHE A 77 -16.69 -0.99 1.74
C PHE A 77 -15.27 -1.08 2.32
N LEU A 78 -15.11 -0.99 3.66
CA LEU A 78 -13.76 -1.01 4.21
C LEU A 78 -13.09 -2.31 3.89
N ARG A 79 -13.82 -3.44 3.92
CA ARG A 79 -13.27 -4.75 3.58
C ARG A 79 -12.77 -4.82 2.14
N ASN A 80 -13.66 -4.41 1.23
CA ASN A 80 -13.34 -4.47 -0.20
C ASN A 80 -12.22 -3.53 -0.56
N ASN A 81 -12.29 -2.36 0.05
CA ASN A 81 -11.24 -1.32 -0.13
C ASN A 81 -9.87 -1.76 0.35
N ALA A 82 -9.85 -2.42 1.50
CA ALA A 82 -8.63 -2.89 2.07
C ALA A 82 -8.02 -4.01 1.25
N MET A 83 -8.85 -4.95 0.81
CA MET A 83 -8.32 -6.00 -0.07
C MET A 83 -7.71 -5.46 -1.33
N SER A 84 -8.38 -4.50 -1.89
CA SER A 84 -7.90 -3.81 -3.12
C SER A 84 -6.62 -3.04 -2.86
N PHE A 85 -6.58 -2.29 -1.74
CA PHE A 85 -5.39 -1.56 -1.40
C PHE A 85 -4.18 -2.48 -1.24
N ARG A 86 -4.40 -3.57 -0.53
CA ARG A 86 -3.36 -4.58 -0.34
C ARG A 86 -2.84 -5.17 -1.68
N ARG A 87 -3.78 -5.52 -2.55
N ARG A 87 -3.77 -5.54 -2.56
CA ARG A 87 -3.41 -6.11 -3.84
CA ARG A 87 -3.33 -6.09 -3.83
C ARG A 87 -2.59 -5.11 -4.67
C ARG A 87 -2.52 -5.09 -4.63
N ALA A 88 -2.98 -3.84 -4.64
CA ALA A 88 -2.25 -2.78 -5.39
C ALA A 88 -0.87 -2.62 -4.84
N LEU A 89 -0.72 -2.58 -3.51
CA LEU A 89 0.61 -2.41 -2.93
C LEU A 89 1.52 -3.60 -3.13
N LEU A 90 0.97 -4.79 -3.17
CA LEU A 90 1.77 -6.02 -3.42
C LEU A 90 2.25 -6.21 -4.86
N ARG A 91 1.69 -5.42 -5.76
N ARG A 91 1.65 -5.50 -5.80
CA ARG A 91 1.91 -5.53 -7.20
CA ARG A 91 2.01 -5.69 -7.19
C ARG A 91 3.29 -5.07 -7.67
C ARG A 91 3.45 -5.37 -7.47
N TYR A 92 3.98 -4.29 -6.86
CA TYR A 92 5.32 -3.84 -7.17
C TYR A 92 6.23 -3.95 -6.01
N ARG A 93 7.48 -4.25 -6.27
CA ARG A 93 8.51 -4.23 -5.20
C ARG A 93 8.47 -2.86 -4.56
N ASP A 94 8.52 -2.83 -3.23
CA ASP A 94 8.53 -1.55 -2.48
C ASP A 94 7.30 -0.67 -2.69
N GLY A 95 6.22 -1.23 -3.17
CA GLY A 95 5.02 -0.46 -3.37
C GLY A 95 4.47 0.11 -2.08
N ALA A 96 4.40 -0.72 -1.06
CA ALA A 96 3.95 -0.21 0.26
C ALA A 96 4.92 0.80 0.77
N LYS A 97 6.21 0.54 0.61
CA LYS A 97 7.22 1.44 1.09
C LYS A 97 7.10 2.83 0.47
N VAL A 98 6.86 2.92 -0.84
N VAL A 98 6.85 2.93 -0.84
CA VAL A 98 6.70 4.21 -1.51
CA VAL A 98 6.72 4.24 -1.49
C VAL A 98 5.50 4.97 -0.96
C VAL A 98 5.45 4.97 -1.04
N HIS A 99 4.43 4.24 -0.56
CA HIS A 99 3.27 4.86 -0.03
C HIS A 99 3.48 5.57 1.32
N LEU A 100 4.35 5.02 2.12
CA LEU A 100 4.44 5.44 3.53
C LEU A 100 4.67 6.95 3.65
N GLY A 101 3.82 7.50 4.51
CA GLY A 101 3.89 8.91 4.86
C GLY A 101 3.41 9.88 3.83
N THR A 102 2.95 9.43 2.67
CA THR A 102 2.36 10.32 1.68
C THR A 102 1.03 10.87 2.21
N ARG A 103 0.56 11.91 1.54
CA ARG A 103 -0.75 12.46 1.78
C ARG A 103 -1.46 12.53 0.47
N PRO A 104 -2.78 12.56 0.47
CA PRO A 104 -3.50 12.48 -0.78
C PRO A 104 -3.09 13.54 -1.80
N ASP A 105 -3.00 13.12 -3.04
CA ASP A 105 -2.68 13.99 -4.15
C ASP A 105 -3.96 14.61 -4.67
N GLU A 106 -3.80 15.76 -5.31
CA GLU A 106 -4.95 16.41 -5.92
C GLU A 106 -5.73 15.53 -6.89
N LYS A 107 -5.06 14.59 -7.56
CA LYS A 107 -5.76 13.66 -8.44
C LYS A 107 -6.66 12.68 -7.72
N GLN A 108 -6.42 12.55 -6.42
CA GLN A 108 -7.17 11.66 -5.57
C GLN A 108 -8.24 12.39 -4.74
N TYR A 109 -8.24 13.74 -4.74
CA TYR A 109 -9.14 14.47 -3.81
C TYR A 109 -10.62 14.05 -3.94
N ASP A 110 -11.16 13.99 -5.14
CA ASP A 110 -12.58 13.68 -5.27
C ASP A 110 -12.87 12.30 -4.68
N THR A 111 -11.99 11.35 -4.97
CA THR A 111 -12.20 9.98 -4.46
C THR A 111 -12.14 9.91 -2.90
N VAL A 112 -11.12 10.51 -2.34
CA VAL A 112 -10.92 10.37 -0.89
C VAL A 112 -11.91 11.24 -0.12
N GLU A 113 -12.33 12.37 -0.71
CA GLU A 113 -13.43 13.14 -0.10
C GLU A 113 -14.68 12.29 -0.08
N THR A 114 -14.95 11.56 -1.14
CA THR A 114 -16.12 10.68 -1.17
C THR A 114 -16.01 9.60 -0.11
N GLN A 115 -14.82 9.04 0.09
CA GLN A 115 -14.65 8.05 1.15
C GLN A 115 -14.95 8.62 2.53
N LEU A 116 -14.41 9.82 2.79
CA LEU A 116 -14.66 10.45 4.07
C LEU A 116 -16.14 10.82 4.27
N ARG A 117 -16.76 11.34 3.21
CA ARG A 117 -18.15 11.69 3.36
C ARG A 117 -18.99 10.44 3.61
N PHE A 118 -18.68 9.40 2.86
CA PHE A 118 -19.37 8.12 3.02
C PHE A 118 -19.33 7.63 4.46
N MET A 119 -18.17 7.71 5.09
CA MET A 119 -18.08 7.34 6.46
C MET A 119 -19.04 8.16 7.32
N THR A 120 -18.99 9.47 7.16
CA THR A 120 -19.85 10.33 7.96
C THR A 120 -21.34 10.12 7.71
N GLU A 121 -21.72 9.77 6.50
CA GLU A 121 -23.12 9.41 6.18
C GLU A 121 -23.56 8.11 6.83
N ASN A 122 -22.62 7.27 7.23
CA ASN A 122 -22.89 6.02 7.94
C ASN A 122 -22.75 6.13 9.46
N GLY A 123 -22.68 7.34 9.96
CA GLY A 123 -22.77 7.59 11.38
C GLY A 123 -21.50 7.92 12.11
N PHE A 124 -20.36 7.83 11.42
CA PHE A 124 -19.13 8.23 12.02
C PHE A 124 -19.04 9.73 12.03
N SER A 125 -18.50 10.26 13.09
CA SER A 125 -17.98 11.62 13.01
C SER A 125 -16.81 11.61 12.02
N LEU A 126 -16.46 12.77 11.50
CA LEU A 126 -15.29 12.83 10.61
C LEU A 126 -14.06 12.21 11.35
N ARG A 127 -13.84 12.54 12.61
CA ARG A 127 -12.66 12.11 13.34
C ARG A 127 -12.67 10.56 13.52
N ASP A 128 -13.81 10.03 13.92
CA ASP A 128 -13.86 8.57 14.12
C ASP A 128 -13.81 7.83 12.79
N GLY A 129 -14.36 8.39 11.75
CA GLY A 129 -14.22 7.78 10.46
C GLY A 129 -12.79 7.80 9.98
N LEU A 130 -12.09 8.91 10.21
CA LEU A 130 -10.66 8.99 9.93
C LEU A 130 -9.85 7.99 10.75
N TYR A 131 -10.16 7.82 12.04
CA TYR A 131 -9.45 6.82 12.84
C TYR A 131 -9.64 5.44 12.25
N ALA A 132 -10.82 5.09 11.77
CA ALA A 132 -11.09 3.77 11.22
C ALA A 132 -10.31 3.63 9.91
N ILE A 133 -10.40 4.64 9.05
CA ILE A 133 -9.66 4.62 7.80
C ILE A 133 -8.16 4.53 8.04
N SER A 134 -7.65 5.31 8.98
CA SER A 134 -6.20 5.25 9.24
C SER A 134 -5.82 3.87 9.79
N ALA A 135 -6.63 3.30 10.69
CA ALA A 135 -6.27 2.01 11.22
C ALA A 135 -6.22 0.91 10.15
N VAL A 136 -7.23 0.91 9.28
CA VAL A 136 -7.25 -0.06 8.18
C VAL A 136 -6.06 0.14 7.27
N SER A 137 -5.72 1.37 6.95
CA SER A 137 -4.61 1.67 6.11
C SER A 137 -3.28 1.24 6.74
N HIS A 138 -3.11 1.58 8.03
CA HIS A 138 -1.89 1.24 8.74
C HIS A 138 -1.67 -0.26 8.91
N PHE A 139 -2.75 -0.95 9.28
CA PHE A 139 -2.73 -2.40 9.33
C PHE A 139 -2.33 -3.03 7.99
N THR A 140 -2.95 -2.51 6.94
CA THR A 140 -2.71 -3.08 5.61
C THR A 140 -1.27 -2.83 5.17
N LEU A 141 -0.79 -1.58 5.38
CA LEU A 141 0.58 -1.25 5.05
C LEU A 141 1.58 -2.11 5.80
N GLY A 142 1.36 -2.27 7.10
CA GLY A 142 2.24 -3.09 7.90
C GLY A 142 2.28 -4.55 7.47
N ALA A 143 1.11 -5.12 7.21
CA ALA A 143 1.03 -6.47 6.74
C ALA A 143 1.75 -6.66 5.42
N VAL A 144 1.57 -5.75 4.50
CA VAL A 144 2.21 -5.89 3.20
C VAL A 144 3.71 -5.75 3.36
N LEU A 145 4.13 -4.75 4.09
CA LEU A 145 5.57 -4.59 4.23
C LEU A 145 6.28 -5.71 4.92
N GLU A 146 5.68 -6.25 5.95
CA GLU A 146 6.32 -7.40 6.59
C GLU A 146 6.41 -8.61 5.65
N GLN A 147 5.35 -8.84 4.89
CA GLN A 147 5.32 -9.94 3.89
C GLN A 147 6.42 -9.76 2.87
N GLN A 148 6.46 -8.58 2.29
CA GLN A 148 7.42 -8.26 1.21
C GLN A 148 8.84 -8.38 1.76
N GLU A 149 9.09 -7.73 2.90
CA GLU A 149 10.47 -7.69 3.39
C GLU A 149 10.96 -9.05 3.84
N HIS A 150 10.11 -9.86 4.44
CA HIS A 150 10.52 -11.17 4.82
C HIS A 150 10.94 -11.98 3.61
N THR A 151 10.11 -11.93 2.59
CA THR A 151 10.45 -12.67 1.35
C THR A 151 11.79 -12.15 0.79
N ALA A 152 11.98 -10.84 0.77
CA ALA A 152 13.21 -10.26 0.24
C ALA A 152 14.46 -10.72 0.98
N ALA A 153 14.34 -11.02 2.26
CA ALA A 153 15.52 -11.34 3.03
C ALA A 153 15.90 -12.84 3.07
N LEU A 154 15.09 -13.67 2.42
CA LEU A 154 15.38 -15.08 2.23
C LEU A 154 16.56 -15.12 1.25
N THR A 155 16.49 -14.21 0.27
CA THR A 155 17.50 -14.04 -0.77
C THR A 155 18.84 -13.54 -0.16
N ASP A 156 18.78 -12.54 0.75
CA ASP A 156 20.00 -12.08 1.49
C ASP A 156 20.54 -13.01 2.57
N ARG A 157 19.78 -14.05 2.95
CA ARG A 157 20.27 -15.07 3.88
C ARG A 157 19.23 -16.13 4.26
N PRO A 158 19.69 -17.36 4.57
CA PRO A 158 18.81 -18.34 5.21
C PRO A 158 18.37 -17.87 6.59
N ALA A 159 17.17 -18.33 6.97
CA ALA A 159 16.53 -17.96 8.24
C ALA A 159 17.39 -18.32 9.45
N ALA A 160 17.42 -19.60 9.79
CA ALA A 160 18.12 -20.08 10.99
C ALA A 160 18.00 -21.61 11.09
N PRO A 161 18.54 -22.21 12.17
CA PRO A 161 18.26 -23.65 12.41
C PRO A 161 16.86 -23.90 13.00
N ASP A 162 16.33 -25.09 12.70
CA ASP A 162 15.06 -25.57 13.27
C ASP A 162 15.24 -26.06 14.73
N GLU A 163 16.51 -26.25 15.12
CA GLU A 163 16.92 -27.06 16.29
C GLU A 163 16.61 -26.48 17.64
N ASN A 164 17.01 -25.23 17.83
CA ASN A 164 16.97 -24.61 19.14
C ASN A 164 15.64 -23.91 19.42
N LEU A 165 14.77 -23.88 18.42
CA LEU A 165 13.48 -23.21 18.57
C LEU A 165 12.61 -23.87 19.62
N PRO A 166 11.95 -23.07 20.45
CA PRO A 166 10.90 -23.59 21.30
C PRO A 166 9.66 -23.94 20.48
N PRO A 167 8.76 -24.75 21.06
CA PRO A 167 7.78 -25.44 20.21
C PRO A 167 6.65 -24.61 19.61
N LEU A 168 6.11 -23.67 20.40
CA LEU A 168 5.04 -22.83 19.89
C LEU A 168 5.57 -21.91 18.79
N LEU A 169 6.77 -21.38 19.02
CA LEU A 169 7.37 -20.56 17.99
C LEU A 169 7.66 -21.39 16.75
N ARG A 170 8.18 -22.62 16.90
CA ARG A 170 8.37 -23.47 15.76
C ARG A 170 7.08 -23.62 14.98
N GLU A 171 5.96 -23.97 15.64
CA GLU A 171 4.68 -24.09 14.91
C GLU A 171 4.17 -22.80 14.29
N ALA A 172 4.39 -21.70 15.00
CA ALA A 172 3.96 -20.42 14.49
C ALA A 172 4.69 -20.04 13.23
N LEU A 173 5.98 -20.35 13.16
CA LEU A 173 6.73 -20.08 11.95
C LEU A 173 6.25 -21.01 10.82
N GLN A 174 5.85 -22.23 11.15
CA GLN A 174 5.28 -23.15 10.13
C GLN A 174 3.96 -22.57 9.62
N ILE A 175 3.14 -22.09 10.54
CA ILE A 175 1.88 -21.51 10.16
C ILE A 175 2.15 -20.38 9.22
N MET A 176 3.14 -19.55 9.56
CA MET A 176 3.43 -18.40 8.68
C MET A 176 4.08 -18.75 7.37
N ASP A 177 4.90 -19.78 7.34
CA ASP A 177 5.52 -20.15 6.09
C ASP A 177 4.51 -20.86 5.13
N SER A 178 3.35 -21.26 5.65
CA SER A 178 2.35 -22.03 4.88
C SER A 178 1.40 -21.17 4.06
N ASP A 179 1.54 -19.86 4.16
CA ASP A 179 0.64 -18.92 3.49
C ASP A 179 1.49 -17.72 3.13
N ASP A 180 1.03 -16.90 2.17
CA ASP A 180 1.71 -15.65 1.78
C ASP A 180 1.48 -14.47 2.72
N GLY A 181 0.51 -14.59 3.62
CA GLY A 181 0.10 -13.53 4.54
C GLY A 181 -1.37 -13.20 4.41
N GLU A 182 -2.04 -13.65 3.36
CA GLU A 182 -3.43 -13.22 3.11
C GLU A 182 -4.38 -13.74 4.20
N GLN A 183 -4.22 -14.97 4.68
CA GLN A 183 -5.12 -15.50 5.66
C GLN A 183 -5.12 -14.66 6.98
N ALA A 184 -3.90 -14.35 7.45
CA ALA A 184 -3.73 -13.56 8.68
C ALA A 184 -4.28 -12.16 8.41
N PHE A 185 -4.02 -11.60 7.24
CA PHE A 185 -4.53 -10.29 6.87
C PHE A 185 -6.06 -10.23 6.97
N LEU A 186 -6.71 -11.21 6.37
CA LEU A 186 -8.17 -11.22 6.34
C LEU A 186 -8.79 -11.40 7.70
N HIS A 187 -8.14 -12.21 8.51
CA HIS A 187 -8.61 -12.43 9.87
C HIS A 187 -8.52 -11.12 10.68
N GLY A 188 -7.38 -10.45 10.61
CA GLY A 188 -7.17 -9.22 11.31
C GLY A 188 -8.04 -8.12 10.82
N LEU A 189 -8.34 -8.10 9.52
CA LEU A 189 -9.22 -7.14 8.93
C LEU A 189 -10.64 -7.23 9.52
N GLU A 190 -11.14 -8.44 9.67
CA GLU A 190 -12.44 -8.61 10.27
C GLU A 190 -12.46 -8.18 11.74
N SER A 191 -11.40 -8.50 12.47
CA SER A 191 -11.31 -8.04 13.86
C SER A 191 -11.33 -6.53 13.97
N LEU A 192 -10.58 -5.85 13.11
CA LEU A 192 -10.57 -4.43 13.03
C LEU A 192 -11.95 -3.86 12.75
N ILE A 193 -12.60 -4.34 11.70
CA ILE A 193 -13.90 -3.86 11.31
C ILE A 193 -14.92 -4.03 12.43
N ARG A 194 -14.92 -5.23 13.05
CA ARG A 194 -15.89 -5.46 14.12
C ARG A 194 -15.66 -4.53 15.30
N GLY A 195 -14.40 -4.21 15.58
CA GLY A 195 -14.15 -3.28 16.70
C GLY A 195 -14.61 -1.88 16.36
N PHE A 196 -14.43 -1.43 15.13
CA PHE A 196 -15.01 -0.14 14.70
C PHE A 196 -16.53 -0.11 14.93
N GLU A 197 -17.17 -1.21 14.59
CA GLU A 197 -18.63 -1.34 14.68
C GLU A 197 -19.05 -1.25 16.13
N VAL A 198 -18.40 -2.00 17.02
CA VAL A 198 -18.77 -2.00 18.44
C VAL A 198 -18.68 -0.56 18.91
N GLN A 199 -17.63 0.12 18.51
CA GLN A 199 -17.41 1.51 18.89
C GLN A 199 -18.47 2.46 18.35
N LEU A 200 -18.81 2.33 17.08
CA LEU A 200 -19.84 3.17 16.49
C LEU A 200 -21.25 2.97 17.12
N THR A 201 -21.62 1.71 17.32
CA THR A 201 -22.96 1.35 17.83
C THR A 201 -23.13 1.66 19.33
N ALA A 202 -22.04 1.70 20.08
CA ALA A 202 -22.08 2.12 21.49
C ALA A 202 -22.64 3.53 21.71
N LEU A 203 -22.44 4.45 20.75
CA LEU A 203 -22.76 5.90 20.98
C LEU A 203 -22.17 6.37 22.34
N LEU A 204 -23.00 6.88 23.26
CA LEU A 204 -22.51 7.34 24.57
C LEU A 204 -22.53 6.23 25.64
N GLN A 205 -22.84 5.01 25.26
CA GLN A 205 -22.82 3.91 26.22
C GLN A 205 -21.39 3.51 26.57
N ILE A 206 -21.17 3.14 27.82
CA ILE A 206 -19.93 2.57 28.25
C ILE A 206 -19.79 1.23 27.56
N VAL A 207 -18.63 1.03 26.93
CA VAL A 207 -18.39 -0.13 26.12
C VAL A 207 -16.98 -0.70 26.31
#